data_1NN2
#
_entry.id   1NN2
#
_cell.length_a   139.600
_cell.length_b   139.600
_cell.length_c   191.000
_cell.angle_alpha   90.00
_cell.angle_beta   90.00
_cell.angle_gamma   90.00
#
_symmetry.space_group_name_H-M   'I 4 2 2'
#
loop_
_entity.id
_entity.type
_entity.pdbx_description
1 polymer NEURAMINIDASE
2 branched 2-acetamido-2-deoxy-beta-D-glucopyranose-(1-4)-2-acetamido-2-deoxy-beta-D-glucopyranose
3 branched 2-acetamido-2-deoxy-4-O-sulfo-alpha-D-galactopyranose-(1-4)-2-acetamido-2-deoxy-beta-D-glucopyranose-(1-4)-alpha-D-mannopyranose-(1-3)-beta-D-mannopyranose-(1-4)-2-acetamido-2-deoxy-beta-D-glucopyranose-(1-4)-[beta-L-fucopyranose-(1-6)]2-acetamido-2-deoxy-beta-D-glucopyranose
4 branched alpha-D-mannopyranose-(1-2)-alpha-D-mannopyranose-(1-3)-[alpha-D-mannopyranose-(1-6)]beta-D-mannopyranose-(1-4)-2-acetamido-2-deoxy-beta-D-glucopyranose-(1-4)-2-acetamido-2-deoxy-beta-D-glucopyranose
5 non-polymer 2-acetamido-2-deoxy-beta-D-glucopyranose
6 non-polymer 'CALCIUM ION'
7 water water
#
_entity_poly.entity_id   1
_entity_poly.type   'polypeptide(L)'
_entity_poly.pdbx_seq_one_letter_code
;VEYRNWSKPQCQITGFAPFSKDNSIRLSAGGDIWVTREPYVSCDPVKCYQFALGQGTTLDNKHSNDTVHDRIPHRTLLMN
ELGVPFHLGTRQVCIAWSSSSCHDGKAWLHVCITGDDKNATASFIYDGRLVDSIGSWSQNILRTQESECVCINGTCTVVM
TDGSASGRADTRILFIEEGKIVHISPLAGSAQHVEECSCYPRYPGVRCICRDNWKGSNRPVVDINMEDYSIDSSYVCSGL
VGDTPRNDDRSSNSNCRDPNNERGTQGVKGWAFDNGNDLWMGRTISKDLRSGYETFKVIGGWSTPNSKSQINRQVIVDSD
NRSGYSGIFSVEGKSCINRCFYVELIRGRKQETRVWWTSNSIVVFCGTSGTYGTGSWPDGANINFMPI
;
_entity_poly.pdbx_strand_id   A
#
# COMPACT_ATOMS: atom_id res chain seq x y z
N VAL A 1 -3.49 18.67 -22.02
CA VAL A 1 -2.91 17.89 -20.95
C VAL A 1 -2.13 16.86 -21.77
N GLU A 2 -1.27 16.09 -21.13
CA GLU A 2 -0.46 15.09 -21.79
C GLU A 2 -0.32 13.96 -20.77
N TYR A 3 0.11 12.79 -21.21
CA TYR A 3 0.23 11.69 -20.28
C TYR A 3 1.57 11.72 -19.58
N ARG A 4 1.53 11.22 -18.35
CA ARG A 4 2.70 11.11 -17.51
C ARG A 4 3.56 9.97 -18.04
N ASN A 5 4.85 10.18 -18.22
CA ASN A 5 5.73 9.12 -18.70
C ASN A 5 6.83 8.83 -17.69
N TRP A 6 6.79 9.50 -16.53
CA TRP A 6 7.72 9.41 -15.42
C TRP A 6 9.20 9.26 -15.73
N SER A 7 9.71 9.87 -16.79
CA SER A 7 11.11 9.71 -17.11
C SER A 7 12.03 10.75 -16.49
N LYS A 8 12.24 10.63 -15.20
CA LYS A 8 13.10 11.54 -14.48
C LYS A 8 13.75 10.67 -13.43
N PRO A 9 15.04 10.95 -13.16
CA PRO A 9 15.85 10.23 -12.21
C PRO A 9 15.15 10.19 -10.88
N GLN A 10 15.38 9.21 -10.05
CA GLN A 10 14.75 9.19 -8.75
C GLN A 10 15.58 10.21 -7.99
N CYS A 11 14.97 10.93 -7.09
CA CYS A 11 15.70 11.91 -6.32
C CYS A 11 16.57 11.13 -5.35
N GLN A 12 17.70 11.76 -5.02
CA GLN A 12 18.66 11.19 -4.09
C GLN A 12 18.09 11.62 -2.78
N ILE A 13 17.96 10.72 -1.85
CA ILE A 13 17.36 11.12 -0.62
C ILE A 13 18.27 10.65 0.48
N THR A 14 18.12 11.40 1.55
CA THR A 14 18.81 11.32 2.80
C THR A 14 17.99 10.67 3.86
N GLY A 15 16.68 10.63 3.63
CA GLY A 15 15.75 10.06 4.60
C GLY A 15 14.40 10.71 4.34
N PHE A 16 13.51 10.68 5.32
CA PHE A 16 12.16 11.19 5.21
C PHE A 16 11.79 12.35 6.09
N ALA A 17 11.02 13.31 5.54
CA ALA A 17 10.53 14.51 6.20
C ALA A 17 9.04 14.37 6.48
N PRO A 18 8.43 14.80 7.60
CA PRO A 18 6.96 14.81 7.79
C PRO A 18 6.13 15.45 6.66
N PHE A 19 4.97 14.89 6.31
CA PHE A 19 4.24 15.49 5.21
C PHE A 19 2.78 15.74 5.47
N SER A 20 2.07 14.83 6.13
CA SER A 20 0.68 15.03 6.39
C SER A 20 0.33 14.08 7.50
N LYS A 21 -0.81 14.30 8.12
CA LYS A 21 -1.36 13.48 9.18
C LYS A 21 -2.80 14.04 9.20
N ASP A 22 -3.85 13.21 9.17
CA ASP A 22 -5.21 13.72 9.12
C ASP A 22 -5.96 13.65 10.42
N ASN A 23 -5.40 12.94 11.39
CA ASN A 23 -5.99 12.85 12.72
C ASN A 23 -7.42 12.39 12.87
N SER A 24 -7.86 11.53 11.94
CA SER A 24 -9.20 10.96 11.91
C SER A 24 -9.76 10.34 13.18
N ILE A 25 -9.02 9.57 13.99
CA ILE A 25 -9.62 8.99 15.19
C ILE A 25 -9.78 9.99 16.33
N ARG A 26 -8.87 10.97 16.52
CA ARG A 26 -9.02 11.95 17.61
C ARG A 26 -10.24 12.77 17.31
N LEU A 27 -10.32 13.21 16.05
CA LEU A 27 -11.44 13.99 15.54
C LEU A 27 -12.78 13.23 15.68
N SER A 28 -12.83 11.92 15.43
CA SER A 28 -14.02 11.09 15.55
C SER A 28 -14.64 11.10 16.92
N ALA A 29 -13.98 11.62 17.96
CA ALA A 29 -14.64 11.63 19.25
C ALA A 29 -15.40 12.95 19.43
N GLY A 30 -15.45 13.78 18.38
CA GLY A 30 -16.12 15.05 18.41
C GLY A 30 -16.30 15.47 16.97
N GLY A 31 -17.01 14.67 16.16
CA GLY A 31 -17.23 14.98 14.75
C GLY A 31 -17.79 13.76 14.03
N ASP A 32 -18.35 13.89 12.82
CA ASP A 32 -18.90 12.74 12.10
C ASP A 32 -17.88 12.46 11.01
N ILE A 33 -17.05 11.47 11.39
CA ILE A 33 -15.93 10.97 10.60
C ILE A 33 -16.12 9.51 10.23
N TRP A 34 -15.92 9.19 8.98
CA TRP A 34 -16.02 7.84 8.42
C TRP A 34 -15.16 6.78 9.06
N VAL A 35 -15.63 5.52 9.16
CA VAL A 35 -14.83 4.41 9.70
C VAL A 35 -14.09 3.91 8.46
N THR A 36 -12.77 3.76 8.44
CA THR A 36 -12.09 3.26 7.24
C THR A 36 -11.03 2.22 7.58
N ARG A 37 -10.31 1.80 6.54
CA ARG A 37 -9.15 0.92 6.61
C ARG A 37 -8.60 0.86 5.19
N GLU A 38 -7.42 0.29 5.04
CA GLU A 38 -6.68 0.18 3.80
C GLU A 38 -6.58 1.54 3.12
N PRO A 39 -6.01 2.60 3.75
CA PRO A 39 -5.77 3.91 3.15
C PRO A 39 -4.61 3.96 2.20
N TYR A 40 -4.48 4.94 1.34
CA TYR A 40 -3.33 5.05 0.48
C TYR A 40 -3.35 6.45 -0.04
N VAL A 41 -2.31 6.99 -0.64
CA VAL A 41 -2.51 8.33 -1.11
C VAL A 41 -1.90 8.24 -2.48
N SER A 42 -2.57 8.89 -3.40
CA SER A 42 -2.08 8.89 -4.77
C SER A 42 -2.21 10.38 -5.04
N CYS A 43 -1.53 10.75 -6.11
CA CYS A 43 -1.36 12.14 -6.37
C CYS A 43 -1.40 12.53 -7.85
N ASP A 44 -2.28 13.45 -8.24
CA ASP A 44 -2.38 13.81 -9.64
C ASP A 44 -1.30 14.81 -9.98
N PRO A 45 -1.05 15.32 -11.16
CA PRO A 45 0.05 16.25 -11.41
C PRO A 45 0.04 17.62 -10.77
N VAL A 46 -0.96 18.00 -9.96
CA VAL A 46 -1.01 19.30 -9.31
C VAL A 46 -1.20 19.07 -7.85
N LYS A 47 -1.93 18.04 -7.37
CA LYS A 47 -2.07 17.89 -5.93
C LYS A 47 -2.26 16.45 -5.50
N CYS A 48 -2.26 16.16 -4.22
CA CYS A 48 -2.40 14.82 -3.73
C CYS A 48 -3.71 14.56 -3.03
N TYR A 49 -4.13 13.29 -3.05
CA TYR A 49 -5.36 12.88 -2.43
C TYR A 49 -5.14 11.69 -1.56
N GLN A 50 -5.89 11.62 -0.49
CA GLN A 50 -5.83 10.50 0.35
C GLN A 50 -7.12 9.68 0.03
N PHE A 51 -6.97 8.33 -0.01
CA PHE A 51 -8.04 7.39 -0.29
C PHE A 51 -8.15 6.37 0.82
N ALA A 52 -9.30 5.76 1.01
CA ALA A 52 -9.46 4.72 2.02
C ALA A 52 -10.75 3.95 1.67
N LEU A 53 -10.86 2.75 2.20
CA LEU A 53 -12.01 1.94 1.95
C LEU A 53 -12.90 2.23 3.12
N GLY A 54 -14.02 2.91 2.93
CA GLY A 54 -14.90 3.19 4.07
C GLY A 54 -15.72 1.99 4.48
N GLN A 55 -16.28 1.90 5.68
CA GLN A 55 -17.12 0.79 6.05
C GLN A 55 -18.58 1.26 5.95
N GLY A 56 -18.95 2.13 4.99
CA GLY A 56 -20.32 2.63 4.89
C GLY A 56 -20.94 3.19 6.19
N THR A 57 -20.15 3.78 7.08
CA THR A 57 -20.63 4.31 8.36
C THR A 57 -19.58 5.29 8.94
N THR A 58 -19.99 6.01 9.98
CA THR A 58 -19.17 6.96 10.70
C THR A 58 -18.85 6.27 12.02
N LEU A 59 -17.85 6.74 12.79
CA LEU A 59 -17.49 6.05 14.02
C LEU A 59 -18.51 6.18 15.13
N ASP A 60 -19.09 7.37 15.32
CA ASP A 60 -20.07 7.51 16.38
C ASP A 60 -21.39 7.28 15.67
N ASN A 61 -21.61 6.00 15.41
CA ASN A 61 -22.75 5.49 14.70
C ASN A 61 -22.94 4.06 15.19
N LYS A 62 -24.11 3.49 15.55
CA LYS A 62 -24.16 2.09 16.00
C LYS A 62 -23.75 1.07 14.96
N HIS A 63 -23.69 1.50 13.70
CA HIS A 63 -23.33 0.65 12.59
C HIS A 63 -21.81 0.49 12.56
N SER A 64 -21.03 1.10 13.46
CA SER A 64 -19.60 0.92 13.42
C SER A 64 -19.21 -0.37 14.12
N ASN A 65 -20.10 -0.93 14.93
CA ASN A 65 -19.87 -2.18 15.65
C ASN A 65 -19.59 -3.28 14.67
N ASP A 66 -18.47 -3.97 14.89
CA ASP A 66 -17.99 -5.05 14.07
C ASP A 66 -17.48 -4.71 12.69
N THR A 67 -16.76 -3.61 12.60
CA THR A 67 -16.20 -3.22 11.33
C THR A 67 -14.82 -3.86 11.07
N VAL A 68 -14.45 -4.88 11.87
CA VAL A 68 -13.19 -5.61 11.69
C VAL A 68 -13.21 -6.34 10.35
N HIS A 69 -14.39 -6.74 9.89
CA HIS A 69 -14.56 -7.47 8.66
C HIS A 69 -14.15 -6.64 7.48
N ASP A 70 -13.34 -7.30 6.71
CA ASP A 70 -12.81 -6.67 5.53
C ASP A 70 -13.72 -6.52 4.34
N ARG A 71 -14.77 -7.33 4.24
CA ARG A 71 -15.59 -7.23 3.05
C ARG A 71 -17.07 -7.22 3.36
N ILE A 72 -17.79 -6.15 3.02
CA ILE A 72 -19.23 -6.04 3.23
C ILE A 72 -19.71 -5.26 2.01
N PRO A 73 -20.98 -5.30 1.52
CA PRO A 73 -21.37 -4.59 0.29
C PRO A 73 -21.34 -3.03 0.37
N HIS A 74 -21.28 -2.55 1.60
CA HIS A 74 -21.31 -1.15 1.92
C HIS A 74 -19.98 -0.42 1.91
N ARG A 75 -18.89 -1.05 1.46
CA ARG A 75 -17.60 -0.42 1.45
C ARG A 75 -17.51 0.28 0.11
N THR A 76 -17.01 1.51 0.20
CA THR A 76 -16.84 2.40 -0.93
C THR A 76 -15.44 3.02 -0.92
N LEU A 77 -14.85 3.40 -2.04
CA LEU A 77 -13.54 4.03 -2.02
C LEU A 77 -13.79 5.52 -1.76
N LEU A 78 -13.35 6.08 -0.62
CA LEU A 78 -13.52 7.49 -0.29
C LEU A 78 -12.37 8.25 -0.92
N MET A 79 -12.47 9.46 -1.48
CA MET A 79 -11.32 10.17 -2.04
C MET A 79 -11.37 11.63 -1.54
N ASN A 80 -10.33 12.23 -0.95
CA ASN A 80 -10.33 13.61 -0.44
C ASN A 80 -8.99 14.25 -0.69
N GLU A 81 -8.78 15.56 -0.51
CA GLU A 81 -7.47 16.11 -0.70
C GLU A 81 -6.72 15.66 0.55
N LEU A 82 -5.42 15.40 0.36
CA LEU A 82 -4.56 14.97 1.49
C LEU A 82 -4.64 16.03 2.60
N GLY A 83 -5.04 15.58 3.77
CA GLY A 83 -5.11 16.47 4.86
C GLY A 83 -6.56 16.78 5.19
N VAL A 84 -7.52 16.74 4.26
CA VAL A 84 -8.88 17.00 4.73
C VAL A 84 -9.38 15.59 5.07
N PRO A 85 -9.83 15.39 6.31
CA PRO A 85 -10.29 14.09 6.77
C PRO A 85 -11.62 13.61 6.19
N PHE A 86 -11.99 12.34 6.43
CA PHE A 86 -13.21 11.78 5.85
C PHE A 86 -14.44 12.10 6.61
N HIS A 87 -14.88 13.32 6.37
CA HIS A 87 -16.07 13.89 6.99
C HIS A 87 -17.27 13.53 6.06
N LEU A 88 -18.53 13.90 6.41
CA LEU A 88 -19.70 13.54 5.60
C LEU A 88 -19.88 14.13 4.24
N GLY A 89 -18.98 15.00 3.85
CA GLY A 89 -19.13 15.59 2.54
C GLY A 89 -18.15 14.95 1.61
N THR A 90 -17.55 13.83 2.06
CA THR A 90 -16.57 13.11 1.30
C THR A 90 -17.27 12.28 0.22
N ARG A 91 -16.64 12.26 -0.92
CA ARG A 91 -17.17 11.52 -2.02
C ARG A 91 -16.85 10.03 -1.94
N GLN A 92 -17.83 9.16 -2.23
CA GLN A 92 -17.66 7.71 -2.28
C GLN A 92 -17.54 7.53 -3.78
N VAL A 93 -16.34 7.32 -4.30
CA VAL A 93 -16.01 7.17 -5.71
C VAL A 93 -16.49 5.86 -6.39
N CYS A 94 -16.76 4.79 -5.64
CA CYS A 94 -17.18 3.52 -6.21
C CYS A 94 -17.40 2.53 -5.10
N ILE A 95 -18.01 1.38 -5.43
CA ILE A 95 -18.26 0.32 -4.44
C ILE A 95 -16.96 -0.51 -4.48
N ALA A 96 -16.33 -0.77 -3.33
CA ALA A 96 -15.09 -1.47 -3.34
C ALA A 96 -14.66 -1.94 -1.97
N TRP A 97 -14.22 -3.19 -1.86
CA TRP A 97 -13.68 -3.66 -0.60
C TRP A 97 -12.21 -3.96 -0.90
N SER A 98 -11.68 -3.55 -2.08
CA SER A 98 -10.31 -3.67 -2.49
C SER A 98 -10.21 -2.66 -3.62
N SER A 99 -9.13 -1.86 -3.80
CA SER A 99 -8.92 -0.83 -4.81
C SER A 99 -7.46 -0.51 -5.15
N SER A 100 -7.28 0.39 -6.11
CA SER A 100 -5.99 0.89 -6.54
C SER A 100 -6.45 2.05 -7.39
N SER A 101 -5.81 3.23 -7.30
CA SER A 101 -6.22 4.38 -8.12
C SER A 101 -4.99 5.02 -8.67
N CYS A 102 -4.97 5.66 -9.82
CA CYS A 102 -3.74 6.28 -10.29
C CYS A 102 -4.20 7.26 -11.30
N HIS A 103 -3.34 8.20 -11.69
CA HIS A 103 -3.75 9.16 -12.62
C HIS A 103 -2.81 9.12 -13.79
N ASP A 104 -3.24 8.92 -15.01
CA ASP A 104 -2.33 8.87 -16.14
C ASP A 104 -1.76 10.14 -16.74
N GLY A 105 -2.14 11.22 -16.12
CA GLY A 105 -1.71 12.51 -16.60
C GLY A 105 -2.96 13.25 -16.99
N LYS A 106 -3.77 12.62 -17.82
CA LYS A 106 -5.02 13.19 -18.27
C LYS A 106 -6.20 12.93 -17.34
N ALA A 107 -6.43 11.85 -16.57
CA ALA A 107 -7.57 11.65 -15.69
C ALA A 107 -7.27 10.53 -14.74
N TRP A 108 -8.13 10.32 -13.76
CA TRP A 108 -7.98 9.28 -12.77
C TRP A 108 -8.59 7.95 -13.21
N LEU A 109 -8.02 6.82 -12.78
CA LEU A 109 -8.49 5.48 -13.06
C LEU A 109 -8.70 4.92 -11.67
N HIS A 110 -9.78 4.24 -11.35
CA HIS A 110 -9.95 3.63 -10.04
C HIS A 110 -10.28 2.17 -10.35
N VAL A 111 -9.78 1.12 -9.65
CA VAL A 111 -10.17 -0.23 -9.98
C VAL A 111 -10.77 -0.57 -8.65
N CYS A 112 -12.07 -0.82 -8.66
CA CYS A 112 -12.81 -1.07 -7.45
C CYS A 112 -13.30 -2.50 -7.53
N ILE A 113 -13.30 -3.22 -6.42
CA ILE A 113 -13.70 -4.61 -6.43
C ILE A 113 -14.78 -4.86 -5.42
N THR A 114 -15.92 -5.42 -5.78
CA THR A 114 -16.93 -5.72 -4.81
C THR A 114 -17.52 -7.04 -5.28
N GLY A 115 -18.36 -7.54 -4.41
CA GLY A 115 -19.05 -8.73 -4.76
C GLY A 115 -18.81 -9.81 -3.76
N ASP A 116 -19.30 -10.93 -4.23
CA ASP A 116 -19.19 -12.13 -3.49
C ASP A 116 -17.74 -12.56 -3.53
N ASP A 117 -17.26 -13.12 -2.42
CA ASP A 117 -15.89 -13.59 -2.33
C ASP A 117 -15.54 -14.53 -3.47
N LYS A 118 -16.40 -15.54 -3.53
CA LYS A 118 -16.29 -16.58 -4.51
C LYS A 118 -16.64 -16.10 -5.90
N ASN A 119 -17.24 -14.91 -6.13
CA ASN A 119 -17.55 -14.47 -7.49
C ASN A 119 -17.57 -12.93 -7.63
N ALA A 120 -16.51 -12.31 -7.12
CA ALA A 120 -16.34 -10.89 -7.17
C ALA A 120 -16.20 -10.32 -8.57
N THR A 121 -16.42 -9.00 -8.64
CA THR A 121 -16.34 -8.25 -9.89
C THR A 121 -15.58 -6.94 -9.63
N ALA A 122 -14.70 -6.66 -10.59
CA ALA A 122 -13.87 -5.51 -10.59
C ALA A 122 -14.31 -4.48 -11.64
N SER A 123 -14.61 -3.21 -11.31
CA SER A 123 -14.98 -2.25 -12.34
C SER A 123 -13.83 -1.26 -12.53
N PHE A 124 -13.58 -0.89 -13.78
CA PHE A 124 -12.54 0.02 -14.17
C PHE A 124 -13.26 1.31 -14.55
N ILE A 125 -13.23 2.26 -13.61
CA ILE A 125 -13.84 3.56 -13.75
C ILE A 125 -12.75 4.49 -14.17
N TYR A 126 -12.85 5.19 -15.27
CA TYR A 126 -11.82 6.08 -15.71
C TYR A 126 -12.57 7.34 -16.11
N ASP A 127 -12.10 8.46 -15.57
CA ASP A 127 -12.62 9.76 -15.86
C ASP A 127 -14.10 9.83 -15.59
N GLY A 128 -14.60 9.21 -14.54
CA GLY A 128 -16.02 9.31 -14.29
C GLY A 128 -16.87 8.17 -14.81
N ARG A 129 -16.63 7.72 -16.05
CA ARG A 129 -17.36 6.63 -16.67
C ARG A 129 -16.87 5.26 -16.22
N LEU A 130 -17.70 4.22 -16.26
CA LEU A 130 -17.30 2.85 -15.93
C LEU A 130 -16.87 2.45 -17.33
N VAL A 131 -15.60 2.14 -17.67
CA VAL A 131 -15.16 1.76 -19.02
C VAL A 131 -14.96 0.24 -19.22
N ASP A 132 -14.89 -0.59 -18.15
CA ASP A 132 -14.66 -2.02 -18.26
C ASP A 132 -14.90 -2.74 -16.96
N SER A 133 -14.84 -4.08 -16.95
CA SER A 133 -14.99 -4.86 -15.75
C SER A 133 -14.41 -6.25 -16.04
N ILE A 134 -14.22 -7.07 -14.97
CA ILE A 134 -13.64 -8.41 -15.08
C ILE A 134 -14.14 -9.19 -13.89
N GLY A 135 -14.39 -10.49 -14.05
CA GLY A 135 -14.89 -11.30 -12.95
C GLY A 135 -13.72 -12.09 -12.37
N SER A 136 -13.95 -12.64 -11.19
CA SER A 136 -13.04 -13.43 -10.41
C SER A 136 -12.54 -14.66 -11.15
N TRP A 137 -11.27 -14.80 -11.57
CA TRP A 137 -10.79 -15.97 -12.30
C TRP A 137 -10.58 -17.19 -11.42
N SER A 138 -10.35 -17.14 -10.13
CA SER A 138 -10.15 -18.34 -9.35
C SER A 138 -11.21 -18.49 -8.28
N GLN A 139 -12.34 -17.81 -8.38
CA GLN A 139 -13.40 -17.97 -7.40
C GLN A 139 -13.02 -17.88 -5.92
N ASN A 140 -12.02 -17.05 -5.59
CA ASN A 140 -11.58 -16.90 -4.20
C ASN A 140 -10.79 -15.62 -3.97
N ILE A 141 -11.68 -14.67 -3.64
CA ILE A 141 -11.44 -13.26 -3.33
C ILE A 141 -10.48 -12.53 -4.23
N LEU A 142 -10.99 -12.00 -5.33
CA LEU A 142 -10.19 -11.24 -6.28
C LEU A 142 -9.72 -10.01 -5.49
N ARG A 143 -8.43 -9.62 -5.50
CA ARG A 143 -7.95 -8.50 -4.72
C ARG A 143 -6.90 -7.76 -5.50
N THR A 144 -6.57 -6.53 -5.09
CA THR A 144 -5.53 -5.77 -5.75
C THR A 144 -4.68 -4.96 -4.73
N GLN A 145 -3.77 -4.20 -5.33
CA GLN A 145 -2.78 -3.34 -4.71
C GLN A 145 -3.03 -2.73 -3.35
N GLU A 146 -4.13 -1.96 -3.17
CA GLU A 146 -4.56 -1.21 -1.98
C GLU A 146 -3.69 -0.01 -1.80
N SER A 147 -3.15 0.44 -2.93
CA SER A 147 -2.30 1.58 -3.00
C SER A 147 -2.26 1.90 -4.49
N GLU A 148 -1.64 3.00 -4.82
CA GLU A 148 -1.50 3.49 -6.17
C GLU A 148 -0.95 2.53 -7.22
N CYS A 149 -1.60 2.61 -8.39
CA CYS A 149 -1.27 1.88 -9.61
C CYS A 149 -0.33 2.85 -10.36
N VAL A 150 0.33 2.64 -11.51
CA VAL A 150 1.18 3.68 -12.08
C VAL A 150 0.93 3.57 -13.58
N CYS A 151 1.05 4.66 -14.31
CA CYS A 151 0.77 4.76 -15.71
C CYS A 151 1.93 5.41 -16.42
N ILE A 152 2.37 4.85 -17.55
CA ILE A 152 3.47 5.45 -18.29
C ILE A 152 2.96 5.51 -19.71
N ASN A 153 2.91 6.72 -20.23
CA ASN A 153 2.47 7.02 -21.59
C ASN A 153 1.09 6.65 -21.97
N GLY A 154 0.20 6.53 -20.98
CA GLY A 154 -1.15 6.17 -21.34
C GLY A 154 -1.52 4.85 -20.73
N THR A 155 -0.64 3.87 -20.61
CA THR A 155 -1.00 2.58 -20.03
C THR A 155 -0.84 2.51 -18.54
N CYS A 156 -1.84 2.08 -17.79
CA CYS A 156 -1.73 1.96 -16.36
C CYS A 156 -1.61 0.48 -16.10
N THR A 157 -1.01 0.05 -15.01
CA THR A 157 -0.89 -1.37 -14.81
C THR A 157 -1.24 -1.60 -13.37
N VAL A 158 -2.04 -2.60 -13.11
CA VAL A 158 -2.38 -2.87 -11.74
C VAL A 158 -2.03 -4.34 -11.60
N VAL A 159 -1.77 -4.87 -10.41
CA VAL A 159 -1.47 -6.28 -10.33
C VAL A 159 -2.58 -6.68 -9.37
N MET A 160 -3.18 -7.84 -9.64
CA MET A 160 -4.29 -8.39 -8.87
C MET A 160 -4.10 -9.88 -8.71
N THR A 161 -4.68 -10.48 -7.68
CA THR A 161 -4.54 -11.88 -7.47
C THR A 161 -5.89 -12.44 -6.98
N ASP A 162 -6.16 -13.72 -7.25
CA ASP A 162 -7.37 -14.43 -6.88
C ASP A 162 -6.86 -15.79 -6.50
N GLY A 163 -7.21 -16.37 -5.38
CA GLY A 163 -6.68 -17.67 -5.05
C GLY A 163 -6.52 -17.80 -3.55
N SER A 164 -5.65 -18.69 -3.08
CA SER A 164 -5.49 -18.87 -1.67
C SER A 164 -4.63 -17.79 -1.07
N ALA A 165 -4.93 -17.57 0.21
CA ALA A 165 -4.27 -16.58 1.04
C ALA A 165 -2.90 -17.11 1.41
N SER A 166 -2.89 -18.26 2.05
CA SER A 166 -1.66 -18.90 2.46
C SER A 166 -1.90 -20.26 1.81
N GLY A 167 -1.41 -20.21 0.57
CA GLY A 167 -1.42 -21.30 -0.37
C GLY A 167 -1.07 -20.71 -1.73
N ARG A 168 -0.94 -21.49 -2.79
CA ARG A 168 -0.62 -20.92 -4.09
C ARG A 168 -1.83 -20.10 -4.60
N ALA A 169 -1.65 -19.07 -5.39
CA ALA A 169 -2.76 -18.28 -5.87
C ALA A 169 -2.48 -17.84 -7.30
N ASP A 170 -3.48 -17.27 -7.96
CA ASP A 170 -3.35 -16.84 -9.34
C ASP A 170 -3.26 -15.31 -9.37
N THR A 171 -2.08 -14.84 -9.75
CA THR A 171 -1.74 -13.44 -9.84
C THR A 171 -1.58 -13.08 -11.30
N ARG A 172 -2.16 -11.97 -11.74
CA ARG A 172 -2.09 -11.49 -13.11
C ARG A 172 -1.89 -9.98 -12.91
N ILE A 173 -1.30 -9.38 -13.94
CA ILE A 173 -0.93 -8.01 -14.05
C ILE A 173 -1.67 -7.53 -15.26
N LEU A 174 -2.60 -6.59 -15.03
CA LEU A 174 -3.38 -6.08 -16.12
C LEU A 174 -2.82 -4.76 -16.50
N PHE A 175 -2.81 -4.51 -17.79
CA PHE A 175 -2.35 -3.31 -18.43
C PHE A 175 -3.67 -2.70 -18.94
N ILE A 176 -3.92 -1.41 -18.69
CA ILE A 176 -5.16 -0.78 -19.11
C ILE A 176 -5.01 0.63 -19.64
N GLU A 177 -5.64 0.87 -20.77
CA GLU A 177 -5.59 2.16 -21.43
C GLU A 177 -6.98 2.76 -21.36
N GLU A 178 -7.06 3.97 -20.79
CA GLU A 178 -8.29 4.70 -20.61
C GLU A 178 -9.41 3.87 -20.01
N GLY A 179 -9.20 3.12 -18.93
CA GLY A 179 -10.28 2.32 -18.36
C GLY A 179 -10.42 0.91 -18.99
N LYS A 180 -9.88 0.70 -20.18
CA LYS A 180 -10.01 -0.57 -20.87
C LYS A 180 -8.86 -1.54 -20.68
N ILE A 181 -9.15 -2.74 -20.18
CA ILE A 181 -8.12 -3.76 -20.00
C ILE A 181 -7.58 -4.11 -21.38
N VAL A 182 -6.37 -3.72 -21.74
CA VAL A 182 -5.81 -4.01 -23.05
C VAL A 182 -4.87 -5.24 -23.05
N HIS A 183 -4.51 -5.85 -21.92
CA HIS A 183 -3.63 -7.00 -21.88
C HIS A 183 -3.64 -7.46 -20.46
N ILE A 184 -3.42 -8.75 -20.23
CA ILE A 184 -3.36 -9.34 -18.91
C ILE A 184 -2.12 -10.21 -19.05
N SER A 185 -1.20 -10.22 -18.09
CA SER A 185 0.02 -11.00 -18.14
C SER A 185 0.12 -11.74 -16.82
N PRO A 186 0.34 -13.06 -16.80
CA PRO A 186 0.44 -13.78 -15.55
C PRO A 186 1.85 -13.60 -15.03
N LEU A 187 1.84 -13.76 -13.71
CA LEU A 187 3.04 -13.66 -12.93
C LEU A 187 4.01 -14.75 -13.35
N ALA A 188 5.25 -14.28 -13.54
CA ALA A 188 6.37 -15.08 -13.94
C ALA A 188 7.52 -14.74 -12.98
N GLY A 189 8.58 -15.60 -12.92
CA GLY A 189 9.77 -15.41 -12.08
C GLY A 189 9.71 -16.23 -10.81
N SER A 190 10.58 -15.89 -9.86
CA SER A 190 10.75 -16.57 -8.60
C SER A 190 9.69 -16.41 -7.54
N ALA A 191 8.90 -15.31 -7.51
CA ALA A 191 7.94 -15.14 -6.42
C ALA A 191 6.84 -16.19 -6.29
N GLN A 192 6.69 -16.67 -5.07
CA GLN A 192 5.73 -17.69 -4.73
C GLN A 192 4.33 -17.26 -4.41
N HIS A 193 4.16 -16.03 -3.90
CA HIS A 193 2.83 -15.55 -3.52
C HIS A 193 2.82 -14.03 -3.44
N VAL A 194 2.08 -13.34 -4.31
CA VAL A 194 1.96 -11.89 -4.36
C VAL A 194 0.58 -11.42 -3.85
N GLU A 195 0.61 -10.52 -2.91
CA GLU A 195 -0.55 -9.95 -2.27
C GLU A 195 -0.19 -8.46 -2.13
N GLU A 196 -1.12 -7.50 -2.15
CA GLU A 196 -0.88 -6.06 -1.97
C GLU A 196 0.35 -5.32 -2.54
N CYS A 197 0.57 -5.29 -3.84
CA CYS A 197 1.72 -4.61 -4.32
C CYS A 197 1.76 -3.10 -4.11
N SER A 198 2.97 -2.60 -3.79
CA SER A 198 3.29 -1.21 -3.59
C SER A 198 4.15 -1.01 -4.78
N CYS A 199 3.61 -0.48 -5.85
CA CYS A 199 4.33 -0.31 -7.07
C CYS A 199 4.78 1.10 -7.24
N TYR A 200 5.75 1.35 -8.12
CA TYR A 200 6.24 2.70 -8.33
C TYR A 200 6.91 2.79 -9.69
N PRO A 201 6.91 3.90 -10.42
CA PRO A 201 7.56 4.00 -11.70
C PRO A 201 9.07 3.99 -11.53
N ARG A 202 9.65 3.29 -12.47
CA ARG A 202 11.09 3.13 -12.54
C ARG A 202 11.30 3.09 -14.03
N TYR A 203 10.98 4.17 -14.72
CA TYR A 203 11.07 4.27 -16.16
C TYR A 203 12.18 3.46 -16.80
N PRO A 204 11.96 2.68 -17.86
CA PRO A 204 10.68 2.48 -18.49
C PRO A 204 9.84 1.38 -17.90
N GLY A 205 10.15 0.90 -16.72
CA GLY A 205 9.35 -0.15 -16.14
C GLY A 205 8.62 0.36 -14.94
N VAL A 206 8.06 -0.58 -14.23
CA VAL A 206 7.30 -0.32 -13.02
C VAL A 206 7.85 -1.40 -12.09
N ARG A 207 8.02 -1.14 -10.80
CA ARG A 207 8.51 -2.17 -9.92
C ARG A 207 7.61 -2.24 -8.71
N CYS A 208 7.32 -3.41 -8.16
CA CYS A 208 6.45 -3.51 -7.01
C CYS A 208 7.07 -4.32 -5.89
N ILE A 209 6.85 -4.03 -4.61
CA ILE A 209 7.38 -4.81 -3.48
C ILE A 209 6.03 -5.17 -2.92
N CYS A 210 5.79 -6.48 -2.83
CA CYS A 210 4.48 -6.93 -2.42
C CYS A 210 4.53 -7.70 -1.15
N ARG A 211 3.49 -8.44 -0.80
CA ARG A 211 3.40 -9.18 0.43
C ARG A 211 3.33 -10.66 0.13
N ASP A 212 4.12 -11.49 0.82
CA ASP A 212 4.05 -12.93 0.65
C ASP A 212 3.50 -13.37 2.02
N ASN A 213 2.35 -13.93 1.63
CA ASN A 213 1.44 -14.51 2.61
C ASN A 213 1.52 -15.99 2.92
N TRP A 214 2.24 -16.71 2.07
CA TRP A 214 2.39 -18.16 2.21
C TRP A 214 3.71 -18.53 2.87
N LYS A 215 4.83 -18.43 2.13
CA LYS A 215 6.13 -18.81 2.66
C LYS A 215 7.15 -17.74 3.02
N GLY A 216 6.75 -16.48 3.19
CA GLY A 216 7.73 -15.44 3.51
C GLY A 216 7.35 -14.23 4.36
N SER A 217 8.57 -13.94 4.80
CA SER A 217 8.98 -12.84 5.64
C SER A 217 9.77 -11.99 4.70
N ASN A 218 10.48 -12.44 3.67
CA ASN A 218 11.12 -11.49 2.79
C ASN A 218 9.98 -11.08 1.85
N ARG A 219 10.11 -9.90 1.20
CA ARG A 219 9.08 -9.37 0.34
C ARG A 219 9.33 -9.65 -1.11
N PRO A 220 8.31 -10.15 -1.85
CA PRO A 220 8.33 -10.37 -3.27
C PRO A 220 8.67 -9.14 -4.03
N VAL A 221 9.17 -9.24 -5.23
CA VAL A 221 9.47 -8.07 -6.05
C VAL A 221 8.77 -8.41 -7.37
N VAL A 222 8.05 -7.54 -8.08
CA VAL A 222 7.40 -7.90 -9.33
C VAL A 222 7.89 -6.85 -10.29
N ASP A 223 8.46 -7.18 -11.41
CA ASP A 223 8.97 -6.23 -12.37
C ASP A 223 8.16 -6.34 -13.63
N ILE A 224 7.61 -5.20 -14.07
CA ILE A 224 6.74 -5.11 -15.23
C ILE A 224 7.43 -4.36 -16.33
N ASN A 225 7.43 -4.94 -17.52
CA ASN A 225 8.07 -4.32 -18.68
C ASN A 225 6.90 -3.71 -19.41
N MET A 226 6.79 -2.39 -19.38
CA MET A 226 5.66 -1.78 -20.03
C MET A 226 5.70 -1.94 -21.52
N GLU A 227 6.84 -2.17 -22.14
CA GLU A 227 6.89 -2.36 -23.59
C GLU A 227 6.51 -3.77 -24.07
N ASP A 228 6.94 -4.85 -23.43
CA ASP A 228 6.60 -6.20 -23.88
C ASP A 228 5.51 -6.82 -23.04
N TYR A 229 5.14 -6.23 -21.90
CA TYR A 229 4.13 -6.77 -20.98
C TYR A 229 4.68 -8.00 -20.25
N SER A 230 6.01 -8.12 -20.28
CA SER A 230 6.75 -9.19 -19.64
C SER A 230 6.85 -8.89 -18.14
N ILE A 231 6.68 -9.94 -17.36
CA ILE A 231 6.73 -9.90 -15.92
C ILE A 231 7.97 -10.67 -15.50
N ASP A 232 8.49 -10.38 -14.32
CA ASP A 232 9.63 -11.02 -13.71
C ASP A 232 9.38 -10.89 -12.22
N SER A 233 9.78 -11.79 -11.35
CA SER A 233 9.56 -11.58 -9.92
C SER A 233 10.77 -12.17 -9.19
N SER A 234 11.06 -11.68 -7.97
CA SER A 234 12.21 -12.06 -7.15
C SER A 234 11.78 -11.80 -5.74
N TYR A 235 12.74 -11.75 -4.81
CA TYR A 235 12.50 -11.41 -3.42
C TYR A 235 13.52 -10.30 -3.14
N VAL A 236 13.28 -9.38 -2.19
CA VAL A 236 14.25 -8.30 -1.95
C VAL A 236 15.49 -8.92 -1.35
N CYS A 237 16.67 -8.60 -1.86
CA CYS A 237 17.90 -9.20 -1.32
C CYS A 237 18.19 -9.11 0.16
N SER A 238 18.06 -7.92 0.73
CA SER A 238 18.28 -7.62 2.12
C SER A 238 17.94 -8.71 3.09
N GLY A 239 18.88 -8.91 4.00
CA GLY A 239 18.68 -9.89 5.02
C GLY A 239 17.88 -9.26 6.11
N LEU A 240 17.67 -7.92 6.05
CA LEU A 240 16.89 -7.27 7.09
C LEU A 240 15.43 -7.56 6.89
N VAL A 241 14.80 -7.79 5.73
CA VAL A 241 13.38 -8.24 5.72
C VAL A 241 12.24 -7.40 6.34
N GLY A 242 11.36 -7.08 5.38
CA GLY A 242 10.21 -6.24 5.62
C GLY A 242 8.88 -6.81 6.07
N ASP A 243 8.55 -8.10 6.03
CA ASP A 243 7.23 -8.51 6.46
C ASP A 243 7.09 -8.61 7.96
N THR A 244 5.86 -8.79 8.45
CA THR A 244 5.57 -8.98 9.88
C THR A 244 4.54 -10.13 9.83
N PRO A 245 4.63 -11.34 10.44
CA PRO A 245 5.74 -11.84 11.22
C PRO A 245 6.98 -11.96 10.36
N ARG A 246 8.05 -11.86 11.13
CA ARG A 246 9.43 -11.85 10.70
C ARG A 246 10.18 -12.58 11.83
N ASN A 247 11.41 -13.06 11.59
CA ASN A 247 12.17 -13.76 12.62
C ASN A 247 12.77 -12.95 13.75
N ASP A 248 13.57 -11.99 13.30
CA ASP A 248 14.32 -10.98 14.03
C ASP A 248 15.59 -10.94 13.21
N ASP A 249 16.31 -9.83 13.30
CA ASP A 249 17.48 -9.63 12.47
C ASP A 249 18.64 -10.56 12.62
N ARG A 250 18.80 -11.22 13.76
CA ARG A 250 19.92 -12.14 13.94
C ARG A 250 19.67 -13.37 13.09
N SER A 251 18.48 -13.94 13.28
CA SER A 251 18.06 -15.13 12.58
C SER A 251 17.30 -14.87 11.30
N SER A 252 17.54 -13.84 10.48
CA SER A 252 16.69 -13.69 9.34
C SER A 252 17.45 -13.72 8.05
N ASN A 253 16.82 -14.17 6.96
CA ASN A 253 17.55 -14.25 5.72
C ASN A 253 16.66 -14.06 4.53
N SER A 254 17.33 -13.79 3.44
CA SER A 254 16.73 -13.63 2.15
C SER A 254 17.91 -13.89 1.22
N ASN A 255 17.67 -14.63 0.15
CA ASN A 255 18.71 -14.92 -0.82
C ASN A 255 18.35 -14.27 -2.15
N CYS A 256 17.37 -13.34 -2.13
CA CYS A 256 16.89 -12.66 -3.31
C CYS A 256 16.11 -13.54 -4.28
N ARG A 257 16.01 -14.83 -4.04
CA ARG A 257 15.36 -15.74 -4.97
C ARG A 257 14.15 -16.49 -4.48
N ASP A 258 14.17 -17.01 -3.27
CA ASP A 258 13.07 -17.81 -2.81
C ASP A 258 12.47 -17.21 -1.56
N PRO A 259 11.23 -17.50 -1.19
CA PRO A 259 10.69 -17.28 0.14
C PRO A 259 11.62 -17.92 1.10
N ASN A 260 11.97 -17.17 2.08
CA ASN A 260 12.89 -17.59 3.10
C ASN A 260 12.30 -18.61 4.05
N ASN A 261 10.99 -18.84 4.02
CA ASN A 261 10.35 -19.80 4.91
C ASN A 261 10.50 -19.54 6.40
N GLU A 262 10.94 -18.35 6.80
CA GLU A 262 11.08 -18.02 8.22
C GLU A 262 9.80 -17.26 8.49
N ARG A 263 8.92 -17.72 9.38
CA ARG A 263 7.63 -17.10 9.69
C ARG A 263 6.82 -16.55 8.52
N GLY A 264 6.83 -17.32 7.43
CA GLY A 264 6.18 -17.01 6.17
C GLY A 264 4.78 -16.38 6.10
N THR A 265 3.91 -17.23 6.58
CA THR A 265 2.49 -17.03 6.65
C THR A 265 2.13 -15.76 7.35
N GLN A 266 1.28 -15.13 6.55
CA GLN A 266 0.72 -13.83 6.77
C GLN A 266 1.84 -12.87 6.31
N GLY A 267 1.32 -11.66 6.47
CA GLY A 267 1.99 -10.44 6.16
C GLY A 267 1.25 -9.21 6.61
N VAL A 268 1.68 -8.13 5.99
CA VAL A 268 1.12 -6.82 6.22
C VAL A 268 1.56 -6.09 4.96
N LYS A 269 0.79 -5.16 4.40
CA LYS A 269 1.23 -4.46 3.20
C LYS A 269 2.44 -3.58 3.59
N GLY A 270 3.46 -3.57 2.77
CA GLY A 270 4.63 -2.80 3.03
C GLY A 270 5.14 -2.33 1.71
N TRP A 271 6.30 -1.68 1.71
CA TRP A 271 6.97 -1.11 0.55
C TRP A 271 8.50 -1.11 0.79
N ALA A 272 9.25 -0.70 -0.24
CA ALA A 272 10.68 -0.58 -0.25
C ALA A 272 11.06 -0.03 -1.60
N PHE A 273 12.18 0.55 -1.87
CA PHE A 273 12.51 0.97 -3.22
C PHE A 273 14.04 0.93 -3.22
N ASP A 274 14.53 0.70 -4.41
CA ASP A 274 15.94 0.58 -4.63
C ASP A 274 16.57 1.93 -4.89
N ASN A 275 17.87 2.00 -4.65
CA ASN A 275 18.67 3.18 -4.88
C ASN A 275 20.02 2.55 -5.16
N GLY A 276 20.35 2.42 -6.44
CA GLY A 276 21.61 1.79 -6.82
C GLY A 276 21.61 0.33 -6.29
N ASN A 277 22.49 0.00 -5.37
CA ASN A 277 22.48 -1.38 -4.89
C ASN A 277 21.91 -1.34 -3.50
N ASP A 278 21.47 -0.17 -3.06
CA ASP A 278 20.91 -0.01 -1.71
C ASP A 278 19.43 -0.02 -1.75
N LEU A 279 18.95 -0.23 -0.56
CA LEU A 279 17.55 -0.33 -0.34
C LEU A 279 16.99 0.56 0.76
N TRP A 280 15.97 1.37 0.46
CA TRP A 280 15.30 2.20 1.45
C TRP A 280 14.06 1.38 1.77
N MET A 281 13.68 1.18 3.00
CA MET A 281 12.50 0.38 3.27
C MET A 281 11.91 0.74 4.60
N GLY A 282 10.76 0.21 4.97
CA GLY A 282 10.18 0.52 6.26
C GLY A 282 9.56 -0.75 6.76
N ARG A 283 9.24 -0.87 8.01
CA ARG A 283 8.62 -2.09 8.47
C ARG A 283 8.07 -1.80 9.83
N THR A 284 7.35 -2.71 10.46
CA THR A 284 6.88 -2.41 11.80
C THR A 284 8.11 -2.58 12.68
N ILE A 285 8.14 -1.96 13.85
CA ILE A 285 9.31 -2.16 14.69
C ILE A 285 9.11 -3.55 15.28
N SER A 286 7.89 -3.94 15.65
CA SER A 286 7.66 -5.27 16.19
C SER A 286 7.81 -6.28 15.06
N LYS A 287 8.18 -7.52 15.35
CA LYS A 287 8.31 -8.55 14.31
C LYS A 287 7.14 -9.53 14.44
N ASP A 288 6.33 -9.34 15.46
CA ASP A 288 5.19 -10.18 15.70
C ASP A 288 3.90 -9.46 15.37
N LEU A 289 3.75 -8.25 15.91
CA LEU A 289 2.59 -7.40 15.77
C LEU A 289 2.85 -6.22 14.87
N ARG A 290 1.81 -5.56 14.35
CA ARG A 290 2.08 -4.38 13.52
C ARG A 290 1.91 -3.16 14.41
N SER A 291 3.05 -2.92 15.07
CA SER A 291 3.27 -1.84 16.01
C SER A 291 4.60 -1.17 15.72
N GLY A 292 4.60 0.16 15.82
CA GLY A 292 5.76 0.97 15.57
C GLY A 292 6.07 0.96 14.10
N TYR A 293 6.86 1.88 13.57
CA TYR A 293 7.19 1.83 12.17
C TYR A 293 8.55 2.52 12.13
N GLU A 294 9.50 2.00 11.36
CA GLU A 294 10.83 2.54 11.27
C GLU A 294 11.23 2.51 9.83
N THR A 295 12.15 3.31 9.34
CA THR A 295 12.62 3.26 7.97
C THR A 295 14.16 3.28 8.05
N PHE A 296 14.92 2.83 7.04
CA PHE A 296 16.37 2.88 7.04
C PHE A 296 16.86 2.52 5.66
N LYS A 297 18.16 2.74 5.42
CA LYS A 297 18.77 2.39 4.14
C LYS A 297 19.53 1.11 4.51
N VAL A 298 19.66 0.19 3.57
CA VAL A 298 20.40 -1.06 3.79
C VAL A 298 21.38 -1.02 2.64
N ILE A 299 22.63 -0.91 3.08
CA ILE A 299 23.74 -0.86 2.16
C ILE A 299 23.85 -2.30 1.62
N GLY A 300 23.74 -2.22 0.29
CA GLY A 300 23.78 -3.40 -0.56
C GLY A 300 22.44 -4.16 -0.51
N GLY A 301 21.46 -3.61 0.24
CA GLY A 301 20.14 -4.17 0.46
C GLY A 301 19.41 -4.59 -0.80
N TRP A 302 19.71 -3.98 -1.93
CA TRP A 302 19.04 -4.32 -3.14
C TRP A 302 19.77 -5.45 -3.87
N SER A 303 21.07 -5.32 -4.08
CA SER A 303 21.85 -6.29 -4.81
C SER A 303 22.62 -7.38 -4.09
N THR A 304 22.72 -7.48 -2.78
CA THR A 304 23.51 -8.57 -2.33
C THR A 304 22.71 -9.44 -1.41
N PRO A 305 22.74 -10.72 -1.72
CA PRO A 305 22.04 -11.71 -0.93
C PRO A 305 22.26 -11.49 0.55
N ASN A 306 21.23 -11.42 1.35
CA ASN A 306 21.37 -11.26 2.80
C ASN A 306 22.09 -10.08 3.48
N SER A 307 22.42 -8.99 2.75
CA SER A 307 23.03 -7.81 3.31
C SER A 307 22.25 -7.25 4.48
N LYS A 308 22.85 -7.12 5.66
CA LYS A 308 22.16 -6.56 6.82
C LYS A 308 22.83 -5.28 7.32
N SER A 309 23.47 -4.50 6.47
CA SER A 309 24.10 -3.27 6.91
C SER A 309 23.14 -2.09 6.77
N GLN A 310 22.62 -1.69 7.93
CA GLN A 310 21.67 -0.59 8.07
C GLN A 310 22.33 0.77 8.29
N ILE A 311 21.68 1.89 7.99
CA ILE A 311 22.18 3.24 8.23
C ILE A 311 20.98 4.18 8.05
N ASN A 312 20.99 5.43 8.56
CA ASN A 312 19.91 6.41 8.40
C ASN A 312 18.58 5.97 8.88
N ARG A 313 18.57 5.26 9.99
CA ARG A 313 17.31 4.81 10.52
C ARG A 313 16.45 5.97 11.03
N GLN A 314 15.09 5.90 11.00
CA GLN A 314 14.22 6.94 11.52
C GLN A 314 13.05 6.27 12.13
N VAL A 315 12.59 6.69 13.28
CA VAL A 315 11.40 6.09 13.86
C VAL A 315 10.25 7.01 13.36
N ILE A 316 9.18 6.45 12.80
CA ILE A 316 8.06 7.21 12.31
C ILE A 316 6.99 6.98 13.38
N VAL A 317 6.83 5.83 14.02
CA VAL A 317 5.79 5.63 15.03
C VAL A 317 6.55 4.78 16.04
N ASP A 318 6.61 5.18 17.30
CA ASP A 318 7.32 4.40 18.29
C ASP A 318 6.64 3.07 18.52
N SER A 319 7.43 2.12 19.00
CA SER A 319 7.03 0.76 19.27
C SER A 319 5.90 0.58 20.24
N ASP A 320 5.51 1.63 20.94
CA ASP A 320 4.40 1.45 21.84
C ASP A 320 3.07 1.81 21.22
N ASN A 321 3.13 2.20 19.96
CA ASN A 321 1.96 2.61 19.25
C ASN A 321 1.77 1.73 18.06
N ARG A 322 0.50 1.64 17.66
CA ARG A 322 0.09 0.83 16.54
C ARG A 322 0.34 1.41 15.17
N SER A 323 0.62 0.54 14.19
CA SER A 323 0.76 1.00 12.83
C SER A 323 -0.23 0.09 12.03
N GLY A 324 0.04 -0.30 10.80
CA GLY A 324 -0.82 -1.15 10.00
C GLY A 324 -0.10 -1.21 8.67
N TYR A 325 -0.87 -1.10 7.61
CA TYR A 325 -0.39 -1.13 6.25
C TYR A 325 0.51 0.03 5.91
N SER A 326 1.24 -0.02 4.81
CA SER A 326 2.08 1.09 4.47
C SER A 326 2.25 0.95 3.00
N GLY A 327 2.52 1.98 2.25
CA GLY A 327 2.67 1.80 0.82
C GLY A 327 3.41 3.01 0.37
N ILE A 328 3.83 2.98 -0.88
CA ILE A 328 4.60 4.04 -1.45
C ILE A 328 3.77 4.88 -2.42
N PHE A 329 4.25 6.07 -2.77
CA PHE A 329 3.62 6.90 -3.77
C PHE A 329 4.74 7.77 -4.28
N SER A 330 4.68 8.11 -5.52
CA SER A 330 5.69 8.89 -6.17
C SER A 330 5.24 10.28 -6.62
N VAL A 331 5.99 11.38 -6.42
CA VAL A 331 5.50 12.65 -6.89
C VAL A 331 6.55 13.21 -7.84
N GLU A 332 6.14 13.72 -8.97
CA GLU A 332 7.04 14.27 -9.95
C GLU A 332 7.62 15.57 -9.39
N GLY A 333 8.92 15.76 -9.40
CA GLY A 333 9.54 16.97 -8.90
C GLY A 333 10.05 17.71 -10.10
N LYS A 334 10.62 18.90 -9.94
CA LYS A 334 11.13 19.68 -11.06
C LYS A 334 12.26 18.98 -11.81
N SER A 335 13.09 18.39 -10.99
CA SER A 335 14.29 17.70 -11.41
C SER A 335 14.32 16.18 -11.44
N CYS A 336 13.67 15.60 -10.46
CA CYS A 336 13.64 14.17 -10.30
C CYS A 336 12.29 13.68 -9.77
N ILE A 337 12.05 12.38 -9.62
CA ILE A 337 10.77 11.98 -9.07
C ILE A 337 11.14 11.36 -7.72
N ASN A 338 10.41 11.88 -6.73
CA ASN A 338 10.59 11.51 -5.36
C ASN A 338 9.67 10.39 -4.92
N ARG A 339 9.91 9.76 -3.76
CA ARG A 339 9.14 8.65 -3.27
C ARG A 339 8.70 9.04 -1.92
N CYS A 340 7.48 8.72 -1.59
CA CYS A 340 6.96 9.11 -0.29
C CYS A 340 6.19 7.89 0.17
N PHE A 341 5.67 7.85 1.38
CA PHE A 341 4.95 6.71 1.89
C PHE A 341 3.93 7.13 2.92
N TYR A 342 2.94 6.32 3.22
CA TYR A 342 1.96 6.66 4.23
C TYR A 342 2.01 5.48 5.17
N VAL A 343 1.53 5.61 6.40
CA VAL A 343 1.47 4.43 7.22
C VAL A 343 0.15 4.61 7.95
N GLU A 344 -0.62 3.55 7.84
CA GLU A 344 -1.94 3.43 8.39
C GLU A 344 -1.76 3.14 9.83
N LEU A 345 -2.49 3.79 10.72
CA LEU A 345 -2.34 3.56 12.14
C LEU A 345 -3.70 3.01 12.49
N ILE A 346 -3.85 1.68 12.54
CA ILE A 346 -5.18 1.20 12.82
C ILE A 346 -5.43 1.21 14.33
N ARG A 347 -6.69 1.35 14.70
CA ARG A 347 -7.15 1.40 16.08
C ARG A 347 -8.41 0.60 16.11
N GLY A 348 -8.72 0.15 17.32
CA GLY A 348 -9.93 -0.62 17.51
C GLY A 348 -9.68 -2.12 17.60
N ARG A 349 -10.75 -2.86 17.35
CA ARG A 349 -10.67 -4.27 17.43
C ARG A 349 -9.84 -4.91 16.32
N LYS A 350 -9.23 -6.09 16.49
CA LYS A 350 -9.31 -6.87 17.71
C LYS A 350 -8.36 -6.52 18.84
N GLN A 351 -7.25 -5.86 18.51
CA GLN A 351 -6.25 -5.50 19.50
C GLN A 351 -6.80 -4.63 20.63
N GLU A 352 -7.48 -3.51 20.38
CA GLU A 352 -8.01 -2.68 21.46
C GLU A 352 -9.45 -3.07 21.50
N THR A 353 -9.82 -3.44 22.69
CA THR A 353 -11.09 -3.99 23.08
C THR A 353 -12.19 -3.15 23.73
N ARG A 354 -11.90 -1.92 24.18
CA ARG A 354 -12.91 -1.11 24.84
C ARG A 354 -14.07 -0.78 23.92
N VAL A 355 -13.66 -0.44 22.71
CA VAL A 355 -14.54 -0.07 21.64
C VAL A 355 -14.86 -1.28 20.78
N TRP A 356 -15.96 -1.23 20.02
CA TRP A 356 -16.33 -2.32 19.16
C TRP A 356 -16.07 -2.10 17.70
N TRP A 357 -15.43 -0.99 17.33
CA TRP A 357 -15.17 -0.67 15.93
C TRP A 357 -13.70 -0.91 15.60
N THR A 358 -13.33 -0.75 14.35
CA THR A 358 -11.96 -0.90 13.91
C THR A 358 -11.86 0.25 12.93
N SER A 359 -10.84 1.10 12.91
CA SER A 359 -10.71 2.19 11.95
C SER A 359 -9.23 2.59 11.90
N ASN A 360 -8.81 3.59 11.16
CA ASN A 360 -7.43 3.99 11.07
C ASN A 360 -7.31 5.51 10.84
N SER A 361 -6.06 6.04 10.98
CA SER A 361 -5.82 7.43 10.63
C SER A 361 -4.55 7.32 9.79
N ILE A 362 -3.97 8.35 9.24
CA ILE A 362 -2.78 8.15 8.46
C ILE A 362 -1.80 9.22 8.89
N VAL A 363 -0.54 8.96 8.53
CA VAL A 363 0.56 9.86 8.74
C VAL A 363 1.32 9.63 7.44
N VAL A 364 1.95 10.59 6.79
CA VAL A 364 2.65 10.35 5.54
C VAL A 364 3.89 11.20 5.57
N PHE A 365 4.98 10.68 5.00
CA PHE A 365 6.28 11.33 4.97
C PHE A 365 6.79 11.35 3.57
N CYS A 366 7.66 12.27 3.19
CA CYS A 366 8.16 12.24 1.83
C CYS A 366 9.65 12.25 1.86
N GLY A 367 10.28 11.72 0.82
CA GLY A 367 11.71 11.72 0.80
C GLY A 367 12.25 13.13 0.81
N THR A 368 13.43 13.30 1.37
CA THR A 368 14.09 14.58 1.43
C THR A 368 15.55 14.33 1.19
N SER A 369 16.20 15.32 0.57
CA SER A 369 17.60 15.27 0.30
C SER A 369 18.31 16.25 1.25
N GLY A 370 17.53 16.86 2.15
CA GLY A 370 18.03 17.80 3.12
C GLY A 370 18.22 17.12 4.42
N THR A 371 18.13 17.85 5.50
CA THR A 371 18.34 17.34 6.85
C THR A 371 17.05 17.16 7.58
N TYR A 372 17.03 16.48 8.70
CA TYR A 372 15.84 16.23 9.44
C TYR A 372 16.24 15.91 10.86
N GLY A 373 15.32 15.76 11.78
CA GLY A 373 15.66 15.50 13.12
C GLY A 373 15.02 14.19 13.44
N THR A 374 14.37 14.19 14.57
CA THR A 374 13.74 13.02 15.15
C THR A 374 12.30 13.29 15.64
N GLY A 375 11.54 12.24 15.89
CA GLY A 375 10.19 12.34 16.40
C GLY A 375 9.53 10.97 16.31
N SER A 376 8.22 10.93 16.64
CA SER A 376 7.34 9.78 16.60
C SER A 376 5.99 10.43 16.41
N TRP A 377 5.22 10.05 15.40
CA TRP A 377 3.91 10.64 15.16
C TRP A 377 2.84 9.58 15.13
N PRO A 378 2.35 9.08 16.26
CA PRO A 378 1.29 8.11 16.32
C PRO A 378 -0.13 8.65 16.03
N ASP A 379 -1.13 7.79 16.12
CA ASP A 379 -2.50 8.20 15.89
C ASP A 379 -2.89 9.29 16.90
N GLY A 380 -2.71 9.04 18.20
CA GLY A 380 -3.02 10.03 19.22
C GLY A 380 -4.33 9.92 19.95
N ALA A 381 -5.29 9.11 19.51
CA ALA A 381 -6.55 9.06 20.22
C ALA A 381 -6.45 8.37 21.57
N ASN A 382 -7.02 8.89 22.64
CA ASN A 382 -6.98 8.17 23.90
C ASN A 382 -8.20 7.31 23.80
N ILE A 383 -7.96 6.00 23.76
CA ILE A 383 -9.00 4.98 23.66
C ILE A 383 -10.14 5.12 24.68
N ASN A 384 -9.89 5.77 25.80
CA ASN A 384 -10.93 5.93 26.79
C ASN A 384 -11.85 7.10 26.53
N PHE A 385 -11.57 7.93 25.54
CA PHE A 385 -12.44 9.05 25.23
C PHE A 385 -13.31 8.72 24.02
N MET A 386 -13.02 7.62 23.31
CA MET A 386 -13.76 7.24 22.13
C MET A 386 -15.13 6.76 22.46
N PRO A 387 -16.10 6.99 21.58
CA PRO A 387 -17.34 6.25 21.66
C PRO A 387 -17.12 4.76 21.43
N ILE A 388 -18.19 4.13 21.89
CA ILE A 388 -18.56 2.72 21.90
C ILE A 388 -18.01 2.09 23.15
#